data_7FOX
#
_entry.id   7FOX
#
_cell.length_a   89.167
_cell.length_b   81.912
_cell.length_c   94.064
_cell.angle_alpha   90
_cell.angle_beta   108.65
_cell.angle_gamma   90
#
_symmetry.space_group_name_H-M   'C 1 2 1'
#
loop_
_entity.id
_entity.type
_entity.pdbx_description
1 polymer 'Pre-mRNA-splicing factor 8'
2 polymer 'A1 cistron-splicing factor AAR2'
3 non-polymer '3-{[(pyridin-3-yl)methyl]amino}benzoic acid'
4 water water
#
loop_
_entity_poly.entity_id
_entity_poly.type
_entity_poly.pdbx_seq_one_letter_code
_entity_poly.pdbx_strand_id
1 'polypeptide(L)'
;GAMNSSNYAELFNNDIKLFVDDTNVYRVTVHKTFEGNVATKAINGCIFTLNPKTGHLFLKIIHTSVWAGQKRLSQLAKWK
TAEEVSALVRSLPKEEQPKQIIVTRKAMLDPLEVHMLDFPNIAIRPTELRLPFSAAMSIDKLSDVVMKATEPQMVLFNIY
DDWLDRISSYTAFSRLTLLLRALKTNEESAKMILLSDPTITIKSYHLWPSFTDEQWITIESQMRDLILTEYGRKYNVNIS
ALTQTEIKDIILGQNIKA
;
A
2 'polypeptide(L)'
;GAMAMNTVPFTSAPIEVTIGIDQYSFNVKENQPFHGIKDIPIGHVHVIHFQHADNSSMRYGYWFDCRMGNFYIQYDPKDG
LYKMMEERDGAKFENIVHNFKERQMMVSYPKIDEDDTWYNLTEFVQMDKIRKIVRKDENQFSYVDSSMTTVQENELSSSS
SDPAHSLNYTVINFKSREAIRPGHEMEDFLDKSYYLNTVMLQGIFKNSSNYFGELQFAFLNAMFFGNYGSSLQWHAMIEL
ICSSATVPKHMLDKLDEILYYQIKTLPEQYSDILLNERVWNICLYSSFQKNSLHNTEKIMENKYPELL
;
B
#
loop_
_chem_comp.id
_chem_comp.type
_chem_comp.name
_chem_comp.formula
VI8 non-polymer '3-{[(pyridin-3-yl)methyl]amino}benzoic acid' 'C13 H12 N2 O2'
#
# COMPACT_ATOMS: atom_id res chain seq x y z
N GLY A 1 9.84 2.19 -13.59
CA GLY A 1 8.72 2.93 -13.04
C GLY A 1 7.71 3.33 -14.08
N ALA A 2 7.52 4.64 -14.27
CA ALA A 2 6.62 5.14 -15.30
C ALA A 2 7.33 5.25 -16.64
N MET A 3 6.54 5.19 -17.70
CA MET A 3 7.02 5.14 -19.08
C MET A 3 6.69 6.49 -19.74
N ASN A 4 7.69 7.13 -20.34
CA ASN A 4 7.53 8.50 -20.82
C ASN A 4 8.32 8.71 -22.10
N SER A 5 8.56 9.98 -22.48
CA SER A 5 9.28 10.30 -23.71
C SER A 5 10.77 9.99 -23.59
N SER A 6 11.34 10.10 -22.39
CA SER A 6 12.76 9.84 -22.21
C SER A 6 13.11 8.40 -22.56
N ASN A 7 12.32 7.45 -22.08
CA ASN A 7 12.54 6.02 -22.35
C ASN A 7 11.58 5.50 -23.42
N TYR A 8 11.36 6.26 -24.49
CA TYR A 8 10.36 5.89 -25.49
C TYR A 8 10.84 4.75 -26.39
N ALA A 9 12.13 4.73 -26.72
CA ALA A 9 12.66 3.64 -27.53
C ALA A 9 12.54 2.29 -26.85
N GLU A 10 12.34 2.28 -25.53
CA GLU A 10 12.20 1.01 -24.83
C GLU A 10 11.00 0.22 -25.35
N LEU A 11 10.02 0.90 -25.93
CA LEU A 11 8.84 0.22 -26.45
C LEU A 11 9.16 -0.73 -27.60
N PHE A 12 10.29 -0.54 -28.28
CA PHE A 12 10.59 -1.25 -29.50
C PHE A 12 11.83 -2.13 -29.34
N ASN A 13 12.26 -2.35 -28.10
CA ASN A 13 13.34 -3.29 -27.85
C ASN A 13 12.80 -4.72 -27.86
N ASN A 14 13.63 -5.70 -27.49
CA ASN A 14 13.28 -7.10 -27.62
C ASN A 14 12.73 -7.72 -26.34
N ASP A 15 12.39 -6.92 -25.35
CA ASP A 15 11.70 -7.39 -24.16
C ASP A 15 10.20 -7.33 -24.43
N ILE A 16 9.53 -8.48 -24.38
CA ILE A 16 8.10 -8.51 -24.69
C ILE A 16 7.36 -7.60 -23.73
N LYS A 17 6.49 -6.74 -24.26
CA LYS A 17 5.69 -5.86 -23.43
C LYS A 17 4.31 -5.68 -24.06
N LEU A 18 3.33 -5.38 -23.21
CA LEU A 18 1.99 -5.10 -23.66
C LEU A 18 1.48 -3.80 -23.04
N PHE A 19 0.82 -2.98 -23.86
CA PHE A 19 -0.02 -1.91 -23.37
C PHE A 19 -1.40 -2.49 -23.08
N VAL A 20 -2.03 -2.04 -21.99
CA VAL A 20 -3.42 -2.39 -21.67
C VAL A 20 -4.20 -1.10 -21.50
N ASP A 21 -5.22 -0.92 -22.36
CA ASP A 21 -6.13 0.23 -22.26
C ASP A 21 -7.52 -0.29 -21.93
N ASP A 22 -8.09 0.26 -20.85
CA ASP A 22 -9.40 -0.16 -20.35
C ASP A 22 -10.51 0.84 -20.64
N THR A 23 -10.23 1.86 -21.44
N THR A 23 -10.26 1.86 -21.48
CA THR A 23 -11.20 2.93 -21.61
CA THR A 23 -11.22 2.96 -21.65
C THR A 23 -12.53 2.39 -22.14
C THR A 23 -12.49 2.56 -22.40
N ASN A 24 -12.49 1.42 -23.07
CA ASN A 24 -13.70 0.93 -23.74
C ASN A 24 -14.26 -0.35 -23.12
N VAL A 25 -13.92 -0.66 -21.87
CA VAL A 25 -14.43 -1.89 -21.26
C VAL A 25 -15.88 -1.74 -20.89
N TYR A 26 -16.19 -0.68 -20.11
CA TYR A 26 -17.54 -0.38 -19.66
C TYR A 26 -18.05 0.82 -20.44
N ARG A 27 -19.03 0.59 -21.31
CA ARG A 27 -19.54 1.60 -22.22
C ARG A 27 -21.05 1.67 -22.02
N VAL A 28 -21.58 2.89 -21.91
CA VAL A 28 -23.02 3.08 -21.69
C VAL A 28 -23.57 4.17 -22.58
N THR A 29 -24.89 4.13 -22.78
CA THR A 29 -25.66 5.25 -23.28
C THR A 29 -26.53 5.73 -22.11
N VAL A 30 -26.73 7.03 -22.01
CA VAL A 30 -27.50 7.63 -20.91
C VAL A 30 -28.80 8.15 -21.51
N HIS A 31 -29.91 7.91 -20.83
CA HIS A 31 -31.20 8.27 -21.39
C HIS A 31 -32.21 8.52 -20.28
N LYS A 32 -33.25 9.27 -20.62
CA LYS A 32 -34.33 9.52 -19.68
C LYS A 32 -35.28 8.33 -19.63
N THR A 33 -35.84 8.10 -18.44
CA THR A 33 -36.84 7.05 -18.25
C THR A 33 -38.24 7.63 -18.44
N PHE A 34 -39.24 6.77 -18.46
CA PHE A 34 -40.61 7.25 -18.62
C PHE A 34 -41.00 8.21 -17.50
N GLU A 35 -40.54 7.94 -16.29
CA GLU A 35 -40.82 8.80 -15.15
C GLU A 35 -39.95 10.05 -15.13
N GLY A 36 -39.09 10.23 -16.12
CA GLY A 36 -38.23 11.40 -16.19
C GLY A 36 -36.97 11.32 -15.35
N ASN A 37 -36.60 10.13 -14.89
CA ASN A 37 -35.31 9.92 -14.25
C ASN A 37 -34.32 9.63 -15.36
N VAL A 38 -33.08 9.29 -15.01
CA VAL A 38 -32.06 8.95 -15.98
C VAL A 38 -31.56 7.55 -15.67
N ALA A 39 -31.30 6.79 -16.73
CA ALA A 39 -30.85 5.41 -16.62
C ALA A 39 -29.73 5.21 -17.63
N THR A 40 -28.84 4.27 -17.32
CA THR A 40 -27.84 3.87 -18.28
C THR A 40 -28.23 2.54 -18.94
N LYS A 41 -27.74 2.35 -20.17
CA LYS A 41 -27.84 1.07 -20.86
C LYS A 41 -26.43 0.71 -21.31
N ALA A 42 -25.90 -0.40 -20.81
CA ALA A 42 -24.56 -0.79 -21.26
C ALA A 42 -24.60 -1.32 -22.68
N ILE A 43 -23.48 -1.16 -23.37
CA ILE A 43 -23.25 -1.77 -24.67
C ILE A 43 -21.93 -2.52 -24.60
N ASN A 44 -21.73 -3.41 -25.56
CA ASN A 44 -20.54 -4.25 -25.55
C ASN A 44 -19.29 -3.38 -25.58
N GLY A 45 -18.26 -3.85 -24.89
CA GLY A 45 -17.00 -3.13 -24.84
C GLY A 45 -15.85 -4.05 -25.19
N CYS A 46 -14.64 -3.59 -24.89
CA CYS A 46 -13.47 -4.37 -25.21
C CYS A 46 -12.28 -3.91 -24.39
N ILE A 47 -11.37 -4.85 -24.13
CA ILE A 47 -10.04 -4.55 -23.60
C ILE A 47 -9.11 -4.47 -24.79
N PHE A 48 -8.26 -3.43 -24.82
CA PHE A 48 -7.29 -3.21 -25.89
C PHE A 48 -5.93 -3.54 -25.30
N THR A 49 -5.38 -4.68 -25.69
CA THR A 49 -4.09 -5.19 -25.20
C THR A 49 -3.19 -5.32 -26.42
N LEU A 50 -2.13 -4.51 -26.47
CA LEU A 50 -1.34 -4.37 -27.68
C LEU A 50 0.16 -4.56 -27.42
N ASN A 51 0.81 -5.39 -28.27
CA ASN A 51 2.26 -5.47 -28.30
C ASN A 51 2.74 -4.40 -29.28
N PRO A 52 3.43 -3.34 -28.81
CA PRO A 52 3.80 -2.25 -29.72
C PRO A 52 4.94 -2.59 -30.65
N LYS A 53 5.67 -3.66 -30.37
CA LYS A 53 6.75 -4.07 -31.26
C LYS A 53 6.24 -4.88 -32.46
N THR A 54 5.27 -5.78 -32.25
CA THR A 54 4.83 -6.67 -33.29
C THR A 54 3.49 -6.26 -33.90
N GLY A 55 2.73 -5.40 -33.20
CA GLY A 55 1.41 -5.02 -33.64
C GLY A 55 0.31 -5.98 -33.23
N HIS A 56 0.65 -7.05 -32.52
CA HIS A 56 -0.36 -8.01 -32.11
C HIS A 56 -1.29 -7.37 -31.09
N LEU A 57 -2.58 -7.46 -31.40
CA LEU A 57 -3.65 -6.87 -30.60
C LEU A 57 -4.52 -8.02 -30.12
N PHE A 58 -4.63 -8.16 -28.80
CA PHE A 58 -5.51 -9.14 -28.18
C PHE A 58 -6.75 -8.38 -27.79
N LEU A 59 -7.81 -8.45 -28.61
CA LEU A 59 -9.03 -7.68 -28.33
C LEU A 59 -10.01 -8.60 -27.60
N LYS A 60 -10.12 -8.44 -26.28
CA LYS A 60 -11.11 -9.21 -25.52
C LYS A 60 -12.41 -8.44 -25.55
N ILE A 61 -13.45 -9.06 -26.12
CA ILE A 61 -14.73 -8.43 -26.19
C ILE A 61 -15.46 -8.66 -24.88
N ILE A 62 -15.97 -7.59 -24.31
CA ILE A 62 -16.63 -7.56 -23.01
C ILE A 62 -18.13 -7.49 -23.32
N HIS A 63 -18.84 -8.60 -23.17
CA HIS A 63 -20.24 -8.62 -23.51
C HIS A 63 -21.06 -8.09 -22.33
N THR A 64 -22.15 -7.37 -22.65
CA THR A 64 -22.94 -6.71 -21.61
C THR A 64 -23.44 -7.65 -20.51
N SER A 65 -23.56 -8.94 -20.81
CA SER A 65 -23.97 -9.89 -19.78
C SER A 65 -23.02 -9.95 -18.60
N VAL A 66 -21.76 -9.55 -18.77
N VAL A 66 -21.76 -9.52 -18.80
CA VAL A 66 -20.88 -9.58 -17.61
CA VAL A 66 -20.80 -9.45 -17.69
C VAL A 66 -21.28 -8.56 -16.53
C VAL A 66 -21.34 -8.60 -16.55
N TRP A 67 -22.05 -7.53 -16.87
CA TRP A 67 -22.47 -6.54 -15.89
C TRP A 67 -23.79 -6.89 -15.20
N ALA A 68 -24.47 -7.94 -15.67
CA ALA A 68 -25.82 -8.20 -15.17
C ALA A 68 -25.79 -8.45 -13.67
N GLY A 69 -26.59 -7.68 -12.96
CA GLY A 69 -26.75 -7.84 -11.53
C GLY A 69 -25.57 -7.42 -10.70
N GLN A 70 -24.59 -6.78 -11.33
CA GLN A 70 -23.43 -6.29 -10.61
C GLN A 70 -23.59 -4.83 -10.20
N LYS A 71 -22.93 -4.47 -9.10
CA LYS A 71 -22.88 -3.12 -8.59
C LYS A 71 -21.54 -2.48 -8.87
N ARG A 72 -21.51 -1.15 -8.77
CA ARG A 72 -20.27 -0.36 -8.88
C ARG A 72 -19.48 -0.72 -10.14
N LEU A 73 -20.16 -0.59 -11.29
CA LEU A 73 -19.63 -1.18 -12.51
C LEU A 73 -18.33 -0.50 -12.93
N SER A 74 -18.17 0.80 -12.69
CA SER A 74 -16.93 1.44 -13.11
C SER A 74 -15.73 0.86 -12.36
N GLN A 75 -15.92 0.52 -11.08
CA GLN A 75 -14.89 -0.17 -10.30
C GLN A 75 -14.70 -1.61 -10.76
N LEU A 76 -15.79 -2.35 -10.90
CA LEU A 76 -15.69 -3.72 -11.35
C LEU A 76 -14.97 -3.82 -12.67
N ALA A 77 -15.18 -2.84 -13.55
CA ALA A 77 -14.60 -2.93 -14.88
C ALA A 77 -13.08 -2.95 -14.83
N LYS A 78 -12.51 -2.23 -13.87
CA LYS A 78 -11.05 -2.27 -13.75
C LYS A 78 -10.59 -3.65 -13.30
N TRP A 79 -11.33 -4.28 -12.38
CA TRP A 79 -10.93 -5.58 -11.88
C TRP A 79 -11.17 -6.68 -12.91
N LYS A 80 -12.25 -6.57 -13.68
CA LYS A 80 -12.51 -7.48 -14.79
C LYS A 80 -11.42 -7.39 -15.85
N THR A 81 -10.99 -6.15 -16.15
CA THR A 81 -9.88 -5.97 -17.06
C THR A 81 -8.65 -6.71 -16.57
N ALA A 82 -8.29 -6.48 -15.30
CA ALA A 82 -7.12 -7.12 -14.70
C ALA A 82 -7.26 -8.65 -14.71
N GLU A 83 -8.45 -9.17 -14.37
CA GLU A 83 -8.69 -10.60 -14.43
C GLU A 83 -8.43 -11.14 -15.82
N GLU A 84 -8.93 -10.45 -16.85
CA GLU A 84 -8.79 -10.94 -18.22
C GLU A 84 -7.35 -10.81 -18.73
N VAL A 85 -6.64 -9.75 -18.37
CA VAL A 85 -5.23 -9.65 -18.74
C VAL A 85 -4.41 -10.75 -18.08
N SER A 86 -4.68 -11.01 -16.80
N SER A 86 -4.66 -10.97 -16.79
CA SER A 86 -3.95 -12.09 -16.15
CA SER A 86 -4.01 -12.07 -16.09
C SER A 86 -4.31 -13.46 -16.76
C SER A 86 -4.30 -13.41 -16.78
N ALA A 87 -5.57 -13.66 -17.14
CA ALA A 87 -5.92 -14.92 -17.83
C ALA A 87 -5.19 -15.06 -19.17
N LEU A 88 -5.07 -13.96 -19.92
CA LEU A 88 -4.32 -13.99 -21.18
C LEU A 88 -2.87 -14.36 -20.94
N VAL A 89 -2.22 -13.71 -19.96
CA VAL A 89 -0.82 -14.04 -19.68
C VAL A 89 -0.67 -15.52 -19.35
N ARG A 90 -1.55 -16.06 -18.49
CA ARG A 90 -1.43 -17.46 -18.09
C ARG A 90 -1.65 -18.38 -19.29
N SER A 91 -2.40 -17.91 -20.30
CA SER A 91 -2.70 -18.73 -21.48
C SER A 91 -1.53 -18.75 -22.45
N LEU A 92 -0.61 -17.82 -22.31
CA LEU A 92 0.49 -17.77 -23.25
C LEU A 92 1.61 -18.68 -22.80
N PRO A 93 2.31 -19.34 -23.73
CA PRO A 93 3.54 -20.04 -23.35
C PRO A 93 4.51 -19.10 -22.66
N LYS A 94 5.31 -19.68 -21.76
CA LYS A 94 6.25 -18.91 -20.96
C LYS A 94 7.07 -17.96 -21.82
N GLU A 95 7.59 -18.44 -22.96
CA GLU A 95 8.46 -17.60 -23.75
C GLU A 95 7.72 -16.48 -24.50
N GLU A 96 6.39 -16.44 -24.43
CA GLU A 96 5.60 -15.37 -25.02
C GLU A 96 5.01 -14.45 -23.97
N GLN A 97 5.17 -14.76 -22.69
CA GLN A 97 4.60 -13.92 -21.66
C GLN A 97 5.36 -12.60 -21.59
N PRO A 98 4.67 -11.50 -21.33
CA PRO A 98 5.36 -10.20 -21.28
C PRO A 98 6.27 -10.09 -20.07
N LYS A 99 7.29 -9.25 -20.21
N LYS A 99 7.30 -9.25 -20.22
CA LYS A 99 8.11 -8.87 -19.08
CA LYS A 99 8.13 -8.87 -19.09
C LYS A 99 7.61 -7.61 -18.40
C LYS A 99 7.62 -7.61 -18.40
N GLN A 100 6.81 -6.81 -19.11
CA GLN A 100 6.23 -5.57 -18.61
C GLN A 100 4.83 -5.44 -19.18
N ILE A 101 3.90 -4.95 -18.37
CA ILE A 101 2.59 -4.51 -18.81
C ILE A 101 2.45 -3.05 -18.45
N ILE A 102 2.18 -2.21 -19.45
CA ILE A 102 2.04 -0.77 -19.29
C ILE A 102 0.56 -0.41 -19.39
N VAL A 103 -0.02 0.12 -18.28
CA VAL A 103 -1.43 0.53 -18.28
C VAL A 103 -1.54 1.99 -18.68
N THR A 104 -2.53 2.30 -19.51
CA THR A 104 -2.72 3.67 -19.95
C THR A 104 -3.36 4.57 -18.91
N ARG A 105 -4.01 3.99 -17.90
CA ARG A 105 -4.67 4.74 -16.84
C ARG A 105 -4.19 4.22 -15.49
N LYS A 106 -3.77 5.14 -14.60
CA LYS A 106 -3.15 4.73 -13.34
C LYS A 106 -4.10 3.98 -12.42
N ALA A 107 -5.41 4.14 -12.62
CA ALA A 107 -6.38 3.38 -11.82
C ALA A 107 -6.31 1.87 -12.09
N MET A 108 -5.64 1.43 -13.18
CA MET A 108 -5.49 0.01 -13.43
C MET A 108 -4.32 -0.60 -12.67
N LEU A 109 -3.45 0.23 -12.06
CA LEU A 109 -2.24 -0.31 -11.45
C LEU A 109 -2.52 -1.33 -10.35
N ASP A 110 -3.32 -0.96 -9.32
CA ASP A 110 -3.54 -1.91 -8.22
C ASP A 110 -4.33 -3.14 -8.67
N PRO A 111 -5.40 -3.00 -9.43
CA PRO A 111 -6.11 -4.22 -9.88
C PRO A 111 -5.20 -5.18 -10.62
N LEU A 112 -4.40 -4.68 -11.55
CA LEU A 112 -3.50 -5.57 -12.29
C LEU A 112 -2.40 -6.13 -11.39
N GLU A 113 -1.79 -5.30 -10.54
CA GLU A 113 -0.78 -5.81 -9.61
C GLU A 113 -1.33 -6.95 -8.75
N VAL A 114 -2.54 -6.79 -8.24
CA VAL A 114 -3.11 -7.80 -7.37
C VAL A 114 -3.38 -9.09 -8.15
N HIS A 115 -3.94 -8.97 -9.37
CA HIS A 115 -4.18 -10.15 -10.22
C HIS A 115 -2.91 -10.83 -10.68
N MET A 116 -1.78 -10.15 -10.64
CA MET A 116 -0.54 -10.70 -11.17
C MET A 116 0.46 -11.02 -10.07
N LEU A 117 -0.01 -11.19 -8.84
CA LEU A 117 0.91 -11.46 -7.73
C LEU A 117 1.72 -12.72 -7.97
N ASP A 118 1.16 -13.67 -8.71
CA ASP A 118 1.81 -14.95 -9.05
C ASP A 118 2.92 -14.78 -10.08
N PHE A 119 3.10 -13.58 -10.63
CA PHE A 119 4.13 -13.26 -11.63
C PHE A 119 4.92 -12.06 -11.09
N PRO A 120 5.68 -12.27 -10.01
CA PRO A 120 6.40 -11.14 -9.42
C PRO A 120 7.44 -10.53 -10.35
N ASN A 121 7.88 -11.26 -11.38
CA ASN A 121 8.86 -10.74 -12.31
C ASN A 121 8.27 -10.00 -13.50
N ILE A 122 6.96 -9.89 -13.62
CA ILE A 122 6.36 -9.03 -14.63
C ILE A 122 6.11 -7.67 -14.01
N ALA A 123 6.76 -6.64 -14.56
CA ALA A 123 6.60 -5.28 -14.05
C ALA A 123 5.30 -4.67 -14.56
N ILE A 124 4.53 -4.07 -13.65
CA ILE A 124 3.30 -3.35 -14.00
C ILE A 124 3.58 -1.86 -13.90
N ARG A 125 3.47 -1.14 -15.00
CA ARG A 125 3.93 0.25 -15.05
C ARG A 125 2.85 1.17 -15.59
N PRO A 126 2.80 2.42 -15.09
CA PRO A 126 2.01 3.46 -15.74
C PRO A 126 2.84 4.11 -16.85
N THR A 127 2.21 5.07 -17.52
CA THR A 127 2.88 5.79 -18.58
C THR A 127 2.51 7.25 -18.50
N GLU A 128 3.47 8.12 -18.85
N GLU A 128 3.46 8.13 -18.85
CA GLU A 128 3.21 9.54 -19.01
CA GLU A 128 3.14 9.53 -18.99
C GLU A 128 2.73 9.90 -20.40
C GLU A 128 2.75 9.91 -20.41
N LEU A 129 2.76 8.95 -21.34
CA LEU A 129 2.23 9.22 -22.68
C LEU A 129 0.71 9.30 -22.63
N ARG A 130 0.14 10.25 -23.38
CA ARG A 130 -1.31 10.29 -23.59
C ARG A 130 -1.57 9.56 -24.90
N LEU A 131 -2.03 8.32 -24.80
CA LEU A 131 -2.17 7.47 -25.96
C LEU A 131 -3.65 7.39 -26.37
N PRO A 132 -3.92 7.47 -27.65
CA PRO A 132 -5.29 7.63 -28.12
C PRO A 132 -6.02 6.29 -28.32
N PHE A 133 -5.71 5.29 -27.50
CA PHE A 133 -6.27 3.96 -27.75
C PHE A 133 -7.78 3.91 -27.55
N SER A 134 -8.38 4.88 -26.85
CA SER A 134 -9.83 4.94 -26.79
C SER A 134 -10.46 4.95 -28.18
N ALA A 135 -9.78 5.49 -29.16
CA ALA A 135 -10.32 5.59 -30.51
C ALA A 135 -10.30 4.27 -31.29
N ALA A 136 -9.90 3.16 -30.67
CA ALA A 136 -9.89 1.87 -31.35
C ALA A 136 -11.27 1.53 -31.90
N MET A 137 -12.32 1.93 -31.17
CA MET A 137 -13.67 1.66 -31.65
C MET A 137 -14.05 2.53 -32.83
N SER A 138 -13.17 3.44 -33.28
CA SER A 138 -13.37 4.11 -34.55
C SER A 138 -12.82 3.33 -35.74
N ILE A 139 -12.14 2.21 -35.51
CA ILE A 139 -11.68 1.35 -36.59
C ILE A 139 -12.83 0.42 -36.90
N ASP A 140 -13.39 0.56 -38.10
CA ASP A 140 -14.66 -0.10 -38.42
C ASP A 140 -14.65 -1.60 -38.12
N LYS A 141 -13.59 -2.31 -38.50
CA LYS A 141 -13.64 -3.76 -38.32
C LYS A 141 -13.59 -4.15 -36.84
N LEU A 142 -12.92 -3.34 -36.00
CA LEU A 142 -12.92 -3.61 -34.56
C LEU A 142 -14.28 -3.29 -33.95
N SER A 143 -14.85 -2.14 -34.30
CA SER A 143 -16.18 -1.81 -33.79
C SER A 143 -17.20 -2.86 -34.22
N ASP A 144 -17.09 -3.37 -35.45
CA ASP A 144 -18.06 -4.36 -35.92
C ASP A 144 -18.03 -5.64 -35.09
N VAL A 145 -16.84 -6.17 -34.79
CA VAL A 145 -16.76 -7.43 -34.06
C VAL A 145 -17.25 -7.25 -32.64
N VAL A 146 -16.98 -6.10 -32.03
CA VAL A 146 -17.43 -5.84 -30.68
C VAL A 146 -18.94 -5.77 -30.63
N MET A 147 -19.54 -5.02 -31.56
N MET A 147 -19.55 -5.02 -31.55
N MET A 147 -19.55 -5.03 -31.55
CA MET A 147 -20.98 -4.76 -31.53
CA MET A 147 -20.99 -4.80 -31.48
CA MET A 147 -20.99 -4.82 -31.47
C MET A 147 -21.81 -5.97 -31.94
C MET A 147 -21.78 -6.04 -31.86
C MET A 147 -21.79 -6.05 -31.86
N LYS A 148 -21.25 -6.89 -32.73
CA LYS A 148 -21.94 -8.11 -33.14
C LYS A 148 -21.85 -9.24 -32.12
N ALA A 149 -20.92 -9.15 -31.17
CA ALA A 149 -20.70 -10.25 -30.23
C ALA A 149 -21.95 -10.51 -29.40
N THR A 150 -22.29 -11.80 -29.27
CA THR A 150 -23.39 -12.25 -28.43
C THR A 150 -22.94 -12.93 -27.16
N GLU A 151 -21.63 -13.13 -27.00
CA GLU A 151 -21.02 -13.76 -25.84
C GLU A 151 -19.59 -13.24 -25.73
N PRO A 152 -18.95 -13.44 -24.59
CA PRO A 152 -17.53 -13.09 -24.48
C PRO A 152 -16.70 -13.78 -25.55
N GLN A 153 -15.70 -13.09 -26.06
CA GLN A 153 -14.91 -13.55 -27.18
C GLN A 153 -13.58 -12.84 -27.12
N MET A 154 -12.54 -13.51 -27.59
CA MET A 154 -11.24 -12.88 -27.82
C MET A 154 -10.98 -12.96 -29.31
N VAL A 155 -10.65 -11.82 -29.92
CA VAL A 155 -10.28 -11.77 -31.35
C VAL A 155 -8.87 -11.19 -31.46
N LEU A 156 -8.07 -11.80 -32.32
CA LEU A 156 -6.69 -11.40 -32.51
C LEU A 156 -6.54 -10.65 -33.82
N PHE A 157 -5.75 -9.56 -33.78
CA PHE A 157 -5.56 -8.74 -34.94
C PHE A 157 -4.09 -8.34 -34.96
N ASN A 158 -3.60 -7.93 -36.13
CA ASN A 158 -2.36 -7.16 -36.20
C ASN A 158 -2.73 -5.73 -36.57
N ILE A 159 -2.57 -4.81 -35.63
CA ILE A 159 -3.04 -3.44 -35.82
C ILE A 159 -2.15 -2.67 -36.79
N TYR A 160 -1.02 -3.23 -37.20
CA TYR A 160 -0.16 -2.61 -38.20
C TYR A 160 -0.34 -3.23 -39.60
N ASP A 161 -1.35 -4.06 -39.82
CA ASP A 161 -1.50 -4.73 -41.13
C ASP A 161 -0.13 -5.29 -41.50
N ASP A 162 0.41 -5.00 -42.70
CA ASP A 162 1.70 -5.49 -43.16
C ASP A 162 2.78 -4.43 -43.13
N TRP A 163 2.56 -3.35 -42.35
CA TRP A 163 3.50 -2.23 -42.43
C TRP A 163 4.91 -2.63 -42.04
N LEU A 164 5.08 -3.60 -41.15
CA LEU A 164 6.41 -3.94 -40.67
C LEU A 164 7.25 -4.61 -41.75
N ASP A 165 6.65 -4.98 -42.87
CA ASP A 165 7.46 -5.40 -44.02
C ASP A 165 8.26 -4.24 -44.61
N ARG A 166 7.85 -2.99 -44.36
CA ARG A 166 8.45 -1.82 -45.00
C ARG A 166 9.01 -0.79 -44.02
N ILE A 167 8.48 -0.73 -42.78
CA ILE A 167 8.87 0.27 -41.81
C ILE A 167 9.18 -0.40 -40.48
N SER A 168 9.88 0.34 -39.62
CA SER A 168 10.23 -0.16 -38.30
C SER A 168 9.02 -0.09 -37.37
N SER A 169 9.12 -0.82 -36.27
N SER A 169 9.13 -0.75 -36.22
CA SER A 169 8.11 -0.73 -35.22
CA SER A 169 8.03 -0.69 -35.25
C SER A 169 7.92 0.72 -34.78
C SER A 169 7.93 0.67 -34.55
N TYR A 170 9.03 1.42 -34.47
CA TYR A 170 8.92 2.78 -33.99
C TYR A 170 8.04 3.60 -34.93
N THR A 171 8.30 3.49 -36.23
CA THR A 171 7.54 4.27 -37.21
C THR A 171 6.10 3.77 -37.30
N ALA A 172 5.89 2.47 -37.21
CA ALA A 172 4.54 1.92 -37.24
C ALA A 172 3.71 2.43 -36.05
N PHE A 173 4.30 2.42 -34.85
CA PHE A 173 3.59 2.92 -33.69
C PHE A 173 3.28 4.40 -33.83
N SER A 174 4.22 5.16 -34.38
CA SER A 174 3.98 6.57 -34.61
C SER A 174 2.83 6.77 -35.60
N ARG A 175 2.80 5.96 -36.66
CA ARG A 175 1.70 6.06 -37.62
C ARG A 175 0.38 5.72 -36.94
N LEU A 176 0.35 4.64 -36.16
CA LEU A 176 -0.87 4.24 -35.47
C LEU A 176 -1.36 5.33 -34.55
N THR A 177 -0.45 5.91 -33.74
CA THR A 177 -0.93 6.87 -32.77
C THR A 177 -1.41 8.13 -33.48
N LEU A 178 -0.79 8.51 -34.60
CA LEU A 178 -1.29 9.64 -35.37
C LEU A 178 -2.68 9.36 -35.95
N LEU A 179 -2.88 8.17 -36.53
CA LEU A 179 -4.21 7.80 -37.05
C LEU A 179 -5.24 7.81 -35.94
N LEU A 180 -4.93 7.18 -34.81
CA LEU A 180 -5.90 7.11 -33.72
C LEU A 180 -6.15 8.48 -33.10
N ARG A 181 -5.12 9.32 -32.99
CA ARG A 181 -5.33 10.68 -32.49
C ARG A 181 -6.27 11.47 -33.41
N ALA A 182 -6.10 11.30 -34.73
CA ALA A 182 -6.96 12.00 -35.69
C ALA A 182 -8.39 11.47 -35.61
N LEU A 183 -8.55 10.16 -35.47
CA LEU A 183 -9.90 9.63 -35.35
C LEU A 183 -10.56 10.08 -34.05
N LYS A 184 -9.77 10.28 -32.99
CA LYS A 184 -10.32 10.74 -31.71
C LYS A 184 -10.74 12.20 -31.80
N THR A 185 -9.97 13.02 -32.52
N THR A 185 -9.97 13.01 -32.54
CA THR A 185 -10.27 14.45 -32.57
CA THR A 185 -10.21 14.44 -32.61
C THR A 185 -11.37 14.78 -33.58
C THR A 185 -11.34 14.79 -33.59
N ASN A 186 -11.43 14.09 -34.72
CA ASN A 186 -12.50 14.35 -35.68
C ASN A 186 -12.70 13.09 -36.52
N GLU A 187 -13.56 12.21 -36.04
CA GLU A 187 -13.67 10.89 -36.62
C GLU A 187 -14.12 10.97 -38.07
N GLU A 188 -15.11 11.81 -38.36
CA GLU A 188 -15.67 11.86 -39.71
C GLU A 188 -14.62 12.31 -40.71
N SER A 189 -13.88 13.35 -40.37
CA SER A 189 -12.87 13.88 -41.29
C SER A 189 -11.73 12.89 -41.47
N ALA A 190 -11.32 12.23 -40.37
CA ALA A 190 -10.29 11.19 -40.44
C ALA A 190 -10.70 10.07 -41.38
N LYS A 191 -11.94 9.56 -41.24
CA LYS A 191 -12.39 8.48 -42.13
C LYS A 191 -12.50 8.97 -43.56
N MET A 192 -12.92 10.23 -43.76
CA MET A 192 -12.96 10.78 -45.10
CA MET A 192 -12.96 10.81 -45.09
C MET A 192 -11.57 10.77 -45.73
N ILE A 193 -10.55 11.19 -44.97
CA ILE A 193 -9.18 11.15 -45.46
C ILE A 193 -8.77 9.73 -45.84
N LEU A 194 -9.14 8.76 -45.03
CA LEU A 194 -8.67 7.39 -45.23
C LEU A 194 -9.38 6.69 -46.39
N LEU A 195 -10.62 7.08 -46.69
CA LEU A 195 -11.41 6.38 -47.70
C LEU A 195 -11.78 7.24 -48.89
N SER A 196 -11.39 8.52 -48.91
CA SER A 196 -11.86 9.41 -49.97
C SER A 196 -11.60 8.82 -51.35
N ASP A 197 -10.45 8.18 -51.53
CA ASP A 197 -10.02 7.69 -52.84
C ASP A 197 -10.46 6.25 -53.06
N PRO A 198 -11.52 6.02 -53.85
CA PRO A 198 -12.04 4.64 -54.00
C PRO A 198 -11.04 3.64 -54.55
N THR A 199 -10.01 4.11 -55.26
CA THR A 199 -9.08 3.17 -55.87
C THR A 199 -8.13 2.54 -54.86
N ILE A 200 -8.12 3.00 -53.62
CA ILE A 200 -7.31 2.43 -52.56
C ILE A 200 -8.26 1.74 -51.60
N THR A 201 -8.10 0.45 -51.42
CA THR A 201 -9.05 -0.34 -50.65
C THR A 201 -8.35 -0.97 -49.44
N ILE A 202 -9.18 -1.53 -48.57
CA ILE A 202 -8.74 -2.26 -47.39
C ILE A 202 -8.83 -3.74 -47.70
N LYS A 203 -7.72 -4.46 -47.59
CA LYS A 203 -7.75 -5.87 -47.92
C LYS A 203 -8.63 -6.56 -46.89
N SER A 204 -9.26 -7.67 -47.32
CA SER A 204 -10.11 -8.45 -46.42
C SER A 204 -9.42 -8.73 -45.08
N TYR A 205 -8.12 -8.97 -45.11
CA TYR A 205 -7.36 -9.40 -43.94
C TYR A 205 -6.64 -8.23 -43.23
N HIS A 206 -7.01 -6.99 -43.55
CA HIS A 206 -6.39 -5.80 -42.99
C HIS A 206 -7.42 -4.89 -42.33
N LEU A 207 -6.92 -3.92 -41.57
CA LEU A 207 -7.76 -2.92 -40.91
C LEU A 207 -7.72 -1.57 -41.60
N TRP A 208 -6.61 -1.25 -42.26
CA TRP A 208 -6.40 0.06 -42.86
C TRP A 208 -6.18 -0.11 -44.36
N PRO A 209 -6.26 0.97 -45.14
CA PRO A 209 -6.12 0.84 -46.59
C PRO A 209 -4.71 0.51 -47.02
N SER A 210 -4.59 0.02 -48.26
CA SER A 210 -3.33 -0.47 -48.82
C SER A 210 -2.58 0.68 -49.50
N PHE A 211 -2.10 1.60 -48.69
CA PHE A 211 -1.42 2.78 -49.21
C PHE A 211 0.01 2.46 -49.57
N THR A 212 0.46 3.03 -50.68
CA THR A 212 1.88 2.98 -50.97
C THR A 212 2.64 3.87 -50.00
N ASP A 213 3.96 3.72 -50.02
CA ASP A 213 4.80 4.53 -49.15
C ASP A 213 4.56 6.01 -49.35
N GLU A 214 4.50 6.46 -50.61
CA GLU A 214 4.28 7.89 -50.86
C GLU A 214 2.89 8.33 -50.41
N GLN A 215 1.88 7.49 -50.67
CA GLN A 215 0.53 7.79 -50.24
C GLN A 215 0.43 7.84 -48.73
N TRP A 216 1.18 7.01 -48.00
CA TRP A 216 1.15 7.11 -46.54
C TRP A 216 1.70 8.46 -46.07
N ILE A 217 2.70 9.01 -46.79
CA ILE A 217 3.21 10.33 -46.43
C ILE A 217 2.14 11.39 -46.62
N THR A 218 1.42 11.32 -47.75
CA THR A 218 0.30 12.23 -47.96
C THR A 218 -0.74 12.07 -46.86
N ILE A 219 -1.12 10.83 -46.56
CA ILE A 219 -2.14 10.59 -45.56
C ILE A 219 -1.70 11.16 -44.20
N GLU A 220 -0.46 10.86 -43.81
CA GLU A 220 0.05 11.35 -42.53
C GLU A 220 0.03 12.87 -42.45
N SER A 221 0.39 13.54 -43.54
N SER A 221 0.40 13.55 -43.54
CA SER A 221 0.33 15.01 -43.58
CA SER A 221 0.32 15.00 -43.57
C SER A 221 -1.10 15.50 -43.43
C SER A 221 -1.10 15.49 -43.41
N GLN A 222 -2.05 14.85 -44.10
CA GLN A 222 -3.46 15.24 -43.99
C GLN A 222 -3.99 15.02 -42.58
N MET A 223 -3.54 13.94 -41.91
CA MET A 223 -3.93 13.72 -40.52
C MET A 223 -3.35 14.78 -39.58
N ARG A 224 -2.08 15.14 -39.77
N ARG A 224 -2.08 15.15 -39.77
CA ARG A 224 -1.52 16.22 -38.97
CA ARG A 224 -1.52 16.22 -38.98
C ARG A 224 -2.28 17.53 -39.20
C ARG A 224 -2.27 17.53 -39.20
N ASP A 225 -2.65 17.81 -40.45
CA ASP A 225 -3.43 19.02 -40.74
CA ASP A 225 -3.42 19.02 -40.71
C ASP A 225 -4.79 18.95 -40.04
N LEU A 226 -5.45 17.81 -40.09
CA LEU A 226 -6.71 17.67 -39.36
C LEU A 226 -6.53 18.03 -37.90
N ILE A 227 -5.48 17.51 -37.26
CA ILE A 227 -5.29 17.72 -35.84
C ILE A 227 -5.05 19.18 -35.56
N LEU A 228 -4.18 19.80 -36.37
CA LEU A 228 -3.91 21.21 -36.19
C LEU A 228 -5.16 22.05 -36.46
N THR A 229 -5.87 21.74 -37.54
CA THR A 229 -7.13 22.43 -37.82
C THR A 229 -8.08 22.39 -36.62
N GLU A 230 -8.28 21.19 -36.04
CA GLU A 230 -9.19 21.08 -34.90
C GLU A 230 -8.67 21.82 -33.67
N TYR A 231 -7.36 21.82 -33.47
CA TYR A 231 -6.79 22.61 -32.38
C TYR A 231 -7.13 24.09 -32.55
N GLY A 232 -7.02 24.59 -33.79
CA GLY A 232 -7.35 25.99 -34.04
C GLY A 232 -8.81 26.27 -33.79
N ARG A 233 -9.70 25.38 -34.27
CA ARG A 233 -11.13 25.54 -34.01
C ARG A 233 -11.42 25.53 -32.52
N LYS A 234 -10.78 24.63 -31.77
CA LYS A 234 -11.05 24.51 -30.34
C LYS A 234 -10.68 25.78 -29.58
N TYR A 235 -9.48 26.26 -29.79
CA TYR A 235 -8.92 27.35 -29.00
C TYR A 235 -9.02 28.69 -29.71
N ASN A 236 -9.69 28.76 -30.87
CA ASN A 236 -9.90 30.00 -31.60
C ASN A 236 -8.57 30.63 -32.01
N VAL A 237 -7.70 29.79 -32.56
CA VAL A 237 -6.36 30.18 -33.01
C VAL A 237 -6.28 30.26 -34.53
N MET B 5 5.07 -3.52 45.64
CA MET B 5 5.84 -2.61 44.72
C MET B 5 7.31 -3.07 44.57
N ASN B 6 7.85 -2.96 43.36
CA ASN B 6 9.20 -3.43 43.06
C ASN B 6 10.12 -2.27 42.68
N THR B 7 11.39 -2.60 42.51
CA THR B 7 12.43 -1.59 42.45
C THR B 7 13.48 -1.98 41.42
N VAL B 8 13.96 -1.00 40.67
CA VAL B 8 15.10 -1.18 39.77
C VAL B 8 16.22 -0.24 40.22
N PRO B 9 17.17 -0.77 40.97
CA PRO B 9 18.30 0.06 41.42
C PRO B 9 19.32 0.27 40.30
N PHE B 10 20.04 1.37 40.42
CA PHE B 10 21.15 1.71 39.52
C PHE B 10 22.43 1.65 40.35
N THR B 11 23.43 0.98 39.82
CA THR B 11 24.73 1.02 40.47
C THR B 11 25.20 2.46 40.64
N SER B 12 25.07 3.28 39.60
CA SER B 12 25.48 4.68 39.62
C SER B 12 24.97 5.30 38.34
N ALA B 13 25.19 6.58 38.18
CA ALA B 13 24.79 7.33 36.99
C ALA B 13 25.94 8.20 36.53
N PRO B 14 26.91 7.61 35.81
CA PRO B 14 28.15 8.35 35.49
C PRO B 14 28.03 9.33 34.33
N ILE B 15 26.99 9.25 33.52
CA ILE B 15 26.78 10.19 32.44
C ILE B 15 25.38 10.80 32.56
N GLU B 16 25.30 12.06 32.18
CA GLU B 16 24.06 12.81 32.25
C GLU B 16 23.08 12.23 31.24
N VAL B 17 21.84 12.03 31.65
CA VAL B 17 20.92 11.23 30.87
C VAL B 17 19.51 11.62 31.27
N THR B 18 18.61 11.65 30.28
CA THR B 18 17.17 11.67 30.56
C THR B 18 16.68 10.23 30.66
N ILE B 19 16.08 9.89 31.81
CA ILE B 19 15.60 8.54 32.07
C ILE B 19 14.08 8.54 31.99
N GLY B 20 13.55 7.62 31.21
CA GLY B 20 12.11 7.41 31.14
C GLY B 20 11.73 6.12 31.90
N ILE B 21 10.59 6.17 32.57
CA ILE B 21 10.00 4.98 33.13
C ILE B 21 8.54 5.05 32.73
N ASP B 22 8.11 4.13 31.88
CA ASP B 22 6.79 4.19 31.23
C ASP B 22 6.60 5.60 30.66
N GLN B 23 5.46 6.25 30.90
CA GLN B 23 5.16 7.57 30.33
C GLN B 23 5.80 8.72 31.11
N TYR B 24 6.62 8.45 32.12
CA TYR B 24 7.25 9.50 32.91
C TYR B 24 8.71 9.65 32.51
N SER B 25 9.30 10.78 32.90
CA SER B 25 10.71 11.00 32.58
C SER B 25 11.31 12.02 33.53
N PHE B 26 12.62 11.91 33.71
CA PHE B 26 13.31 12.86 34.58
C PHE B 26 14.76 12.88 34.16
N ASN B 27 15.43 13.98 34.51
CA ASN B 27 16.82 14.22 34.11
C ASN B 27 17.75 13.90 35.27
N VAL B 28 18.86 13.21 34.96
CA VAL B 28 19.88 12.90 35.94
C VAL B 28 21.18 13.55 35.50
N LYS B 29 21.83 14.27 36.42
CA LYS B 29 23.09 14.92 36.07
C LYS B 29 24.28 13.97 36.14
N GLU B 30 25.33 14.33 35.37
CA GLU B 30 26.59 13.59 35.35
C GLU B 30 27.13 13.35 36.76
N ASN B 31 27.17 12.08 37.19
CA ASN B 31 27.69 11.65 38.48
C ASN B 31 26.79 12.07 39.65
N GLN B 32 25.51 12.32 39.39
CA GLN B 32 24.58 12.64 40.45
C GLN B 32 24.30 11.38 41.28
N PRO B 33 23.99 11.54 42.58
CA PRO B 33 23.81 10.36 43.44
C PRO B 33 22.51 9.60 43.23
N PHE B 34 22.22 9.25 42.00
CA PHE B 34 20.97 8.59 41.66
C PHE B 34 21.17 7.08 41.72
N HIS B 35 20.29 6.38 42.46
CA HIS B 35 20.41 4.94 42.54
C HIS B 35 19.12 4.19 42.22
N GLY B 36 18.20 4.80 41.46
CA GLY B 36 17.20 4.00 40.79
C GLY B 36 15.77 4.45 41.04
N ILE B 37 14.86 3.55 40.73
CA ILE B 37 13.43 3.82 40.72
C ILE B 37 12.74 2.80 41.61
N LYS B 38 11.95 3.29 42.56
CA LYS B 38 11.19 2.43 43.47
C LYS B 38 9.68 2.61 43.24
N ASP B 39 8.92 1.79 43.95
CA ASP B 39 7.44 1.85 43.95
C ASP B 39 6.85 1.57 42.56
N ILE B 40 7.50 0.70 41.78
CA ILE B 40 7.02 0.33 40.45
C ILE B 40 5.83 -0.62 40.56
N PRO B 41 4.69 -0.28 39.96
CA PRO B 41 3.48 -1.09 40.18
C PRO B 41 3.66 -2.49 39.64
N ILE B 42 3.43 -3.46 40.51
CA ILE B 42 3.34 -4.84 40.10
C ILE B 42 2.03 -5.06 39.35
N GLY B 43 2.13 -5.84 38.29
CA GLY B 43 0.99 -6.28 37.51
C GLY B 43 1.06 -5.89 36.08
N HIS B 44 2.03 -5.06 35.70
CA HIS B 44 2.13 -4.60 34.32
C HIS B 44 3.55 -4.79 33.86
N VAL B 45 3.71 -4.86 32.55
N VAL B 45 3.70 -4.94 32.55
CA VAL B 45 5.03 -4.72 31.93
CA VAL B 45 5.04 -4.72 31.96
C VAL B 45 5.44 -3.26 31.94
C VAL B 45 5.43 -3.26 32.21
N HIS B 46 6.74 -2.99 32.07
CA HIS B 46 7.25 -1.65 32.16
C HIS B 46 8.38 -1.47 31.17
N VAL B 47 8.72 -0.23 30.92
CA VAL B 47 9.87 0.08 30.06
C VAL B 47 10.70 1.14 30.75
N ILE B 48 12.02 0.94 30.82
N ILE B 48 11.99 0.88 30.93
CA ILE B 48 12.91 1.93 31.33
CA ILE B 48 12.93 1.93 31.33
C ILE B 48 13.80 2.35 30.17
C ILE B 48 13.68 2.33 30.07
N HIS B 49 13.83 3.63 29.88
CA HIS B 49 14.44 4.12 28.64
C HIS B 49 15.34 5.31 28.91
N PHE B 50 16.22 5.55 27.92
CA PHE B 50 17.35 6.45 28.11
C PHE B 50 17.58 7.29 26.87
N GLN B 51 17.97 8.54 27.10
CA GLN B 51 18.48 9.40 26.05
C GLN B 51 19.62 10.21 26.64
N HIS B 52 20.82 10.02 26.11
CA HIS B 52 21.98 10.66 26.71
C HIS B 52 21.97 12.17 26.45
N ALA B 53 22.44 12.92 27.44
CA ALA B 53 22.38 14.37 27.33
C ALA B 53 23.37 14.86 26.30
N ASP B 54 24.54 14.25 26.28
CA ASP B 54 25.60 14.65 25.36
C ASP B 54 25.47 14.00 23.98
N ASN B 55 24.45 13.16 23.77
CA ASN B 55 24.28 12.55 22.46
C ASN B 55 22.86 11.99 22.39
N SER B 56 21.93 12.79 21.86
CA SER B 56 20.55 12.37 21.77
C SER B 56 20.35 11.25 20.75
N SER B 57 21.40 10.89 19.98
CA SER B 57 21.36 9.72 19.12
C SER B 57 21.15 8.47 19.94
N MET B 58 20.47 7.52 19.34
N MET B 58 20.39 7.54 19.36
CA MET B 58 20.06 6.33 20.06
CA MET B 58 20.04 6.29 20.01
C MET B 58 19.34 6.67 21.37
C MET B 58 19.32 6.49 21.34
N ARG B 59 18.02 6.79 21.30
CA ARG B 59 17.22 6.45 22.44
C ARG B 59 17.32 4.92 22.54
N TYR B 60 17.37 4.36 23.75
CA TYR B 60 17.33 2.91 23.88
C TYR B 60 16.68 2.58 25.23
N GLY B 61 16.29 1.33 25.42
CA GLY B 61 15.61 1.01 26.68
C GLY B 61 15.33 -0.47 26.79
N TYR B 62 14.67 -0.83 27.89
CA TYR B 62 14.44 -2.22 28.23
C TYR B 62 13.02 -2.42 28.70
N TRP B 63 12.36 -3.41 28.11
CA TRP B 63 11.07 -3.86 28.60
C TRP B 63 11.29 -4.97 29.63
N PHE B 64 10.53 -4.90 30.74
CA PHE B 64 10.73 -5.85 31.82
C PHE B 64 9.45 -5.98 32.64
N ASP B 65 9.44 -7.01 33.47
CA ASP B 65 8.33 -7.30 34.37
C ASP B 65 8.97 -7.74 35.68
N CYS B 66 8.76 -6.96 36.74
CA CYS B 66 9.43 -7.24 38.02
C CYS B 66 9.01 -8.59 38.61
N ARG B 67 7.94 -9.17 38.12
CA ARG B 67 7.55 -10.49 38.59
C ARG B 67 8.46 -11.59 38.08
N MET B 68 9.30 -11.30 37.08
N MET B 68 9.29 -11.30 37.08
CA MET B 68 10.12 -12.35 36.47
CA MET B 68 10.12 -12.32 36.45
C MET B 68 11.56 -12.35 36.95
C MET B 68 11.55 -12.37 36.97
N GLY B 69 11.94 -11.45 37.85
CA GLY B 69 13.30 -11.43 38.33
C GLY B 69 13.60 -10.10 38.98
N ASN B 70 14.81 -10.02 39.54
CA ASN B 70 15.33 -8.82 40.17
C ASN B 70 16.28 -8.17 39.16
N PHE B 71 15.92 -6.99 38.66
CA PHE B 71 16.67 -6.32 37.60
C PHE B 71 17.27 -5.01 38.12
N TYR B 72 18.47 -4.69 37.62
CA TYR B 72 19.14 -3.44 37.95
C TYR B 72 19.81 -2.90 36.70
N ILE B 73 20.24 -1.65 36.79
CA ILE B 73 20.90 -0.95 35.69
C ILE B 73 22.30 -0.61 36.13
N GLN B 74 23.27 -0.84 35.22
CA GLN B 74 24.64 -0.46 35.47
C GLN B 74 25.21 0.06 34.17
N TYR B 75 25.91 1.18 34.27
CA TYR B 75 26.52 1.80 33.09
C TYR B 75 27.75 1.00 32.69
N ASP B 76 27.90 0.76 31.39
CA ASP B 76 29.05 0.08 30.79
C ASP B 76 29.88 1.12 30.06
N PRO B 77 31.05 1.50 30.55
CA PRO B 77 31.84 2.55 29.87
C PRO B 77 32.50 2.08 28.57
N LYS B 78 32.53 0.78 28.33
CA LYS B 78 33.07 0.27 27.06
C LYS B 78 32.05 0.42 25.94
N ASP B 79 30.84 -0.15 26.15
CA ASP B 79 29.79 0.01 25.15
C ASP B 79 29.02 1.32 25.26
N GLY B 80 29.26 2.12 26.30
CA GLY B 80 28.74 3.48 26.36
C GLY B 80 27.24 3.50 26.58
N LEU B 81 26.71 2.56 27.35
CA LEU B 81 25.29 2.69 27.65
C LEU B 81 24.93 2.08 28.98
N TYR B 82 23.77 2.49 29.47
CA TYR B 82 23.15 1.87 30.64
C TYR B 82 22.54 0.52 30.26
N LYS B 83 23.03 -0.55 30.90
CA LYS B 83 22.60 -1.92 30.63
C LYS B 83 21.74 -2.45 31.77
N MET B 84 20.67 -3.15 31.41
CA MET B 84 19.92 -3.91 32.39
C MET B 84 20.60 -5.25 32.63
N MET B 85 20.61 -5.66 33.88
CA MET B 85 21.17 -6.93 34.29
C MET B 85 20.23 -7.58 35.29
N GLU B 86 20.30 -8.90 35.39
CA GLU B 86 19.54 -9.63 36.40
C GLU B 86 20.47 -10.03 37.54
N GLU B 87 20.01 -9.84 38.77
CA GLU B 87 20.70 -10.27 39.98
C GLU B 87 20.04 -11.55 40.47
N ARG B 88 20.79 -12.66 40.47
CA ARG B 88 20.25 -13.94 40.91
C ARG B 88 20.29 -14.11 42.43
N ASP B 89 21.16 -13.38 43.12
CA ASP B 89 21.28 -13.47 44.58
C ASP B 89 20.22 -12.57 45.21
N GLY B 90 19.12 -13.17 45.68
CA GLY B 90 18.00 -12.37 46.16
C GLY B 90 18.32 -11.58 47.41
N ALA B 91 19.08 -12.16 48.35
CA ALA B 91 19.38 -11.47 49.59
C ALA B 91 20.34 -10.32 49.35
N LYS B 92 21.27 -10.48 48.40
CA LYS B 92 22.13 -9.37 48.02
C LYS B 92 21.30 -8.23 47.45
N PHE B 93 20.36 -8.56 46.55
CA PHE B 93 19.55 -7.55 45.91
C PHE B 93 18.74 -6.77 46.93
N GLU B 94 18.02 -7.48 47.81
CA GLU B 94 17.20 -6.81 48.81
C GLU B 94 18.03 -5.89 49.70
N ASN B 95 19.26 -6.30 50.03
CA ASN B 95 20.11 -5.51 50.91
C ASN B 95 20.58 -4.25 50.21
N ILE B 96 20.89 -4.34 48.92
CA ILE B 96 21.28 -3.16 48.15
C ILE B 96 20.11 -2.19 48.06
N VAL B 97 18.94 -2.68 47.67
CA VAL B 97 17.78 -1.82 47.56
C VAL B 97 17.50 -1.12 48.89
N HIS B 98 17.49 -1.89 49.99
CA HIS B 98 17.13 -1.30 51.28
C HIS B 98 18.07 -0.15 51.65
N ASN B 99 19.38 -0.33 51.45
CA ASN B 99 20.35 0.72 51.73
C ASN B 99 20.06 1.98 50.89
N PHE B 100 19.78 1.80 49.60
CA PHE B 100 19.49 2.96 48.75
C PHE B 100 18.17 3.63 49.14
N LYS B 101 17.17 2.84 49.56
CA LYS B 101 15.92 3.44 50.00
C LYS B 101 16.11 4.22 51.30
N GLU B 102 16.87 3.65 52.23
CA GLU B 102 17.14 4.31 53.50
C GLU B 102 17.86 5.64 53.29
N ARG B 103 18.75 5.72 52.31
CA ARG B 103 19.43 6.97 52.00
C ARG B 103 18.65 7.84 51.02
N GLN B 104 17.43 7.42 50.64
CA GLN B 104 16.54 8.20 49.78
C GLN B 104 17.21 8.59 48.46
N MET B 105 17.92 7.63 47.87
CA MET B 105 18.63 7.84 46.62
C MET B 105 17.86 7.34 45.41
N MET B 106 16.55 7.09 45.56
CA MET B 106 15.73 6.58 44.46
C MET B 106 14.55 7.51 44.23
N VAL B 107 14.15 7.66 42.99
CA VAL B 107 12.92 8.35 42.64
C VAL B 107 11.76 7.36 42.74
N SER B 108 10.60 7.87 43.12
CA SER B 108 9.43 7.03 43.20
C SER B 108 8.65 7.08 41.89
N TYR B 109 8.25 5.92 41.39
CA TYR B 109 7.37 5.87 40.24
C TYR B 109 6.16 6.75 40.49
N PRO B 110 5.96 7.81 39.71
CA PRO B 110 5.08 8.88 40.17
C PRO B 110 3.63 8.70 39.73
N LYS B 111 3.03 7.58 40.12
CA LYS B 111 1.68 7.25 39.67
C LYS B 111 0.64 7.97 40.53
N ILE B 112 -0.27 8.66 39.86
CA ILE B 112 -1.47 9.20 40.50
C ILE B 112 -2.51 8.09 40.68
N ASP B 113 -3.19 8.08 41.83
CA ASP B 113 -4.08 6.95 42.12
C ASP B 113 -5.23 6.86 41.12
N GLU B 114 -5.81 7.98 40.73
CA GLU B 114 -6.90 7.99 39.75
C GLU B 114 -6.45 7.50 38.37
N ASP B 115 -5.15 7.37 38.13
CA ASP B 115 -4.61 7.41 36.77
C ASP B 115 -4.37 6.00 36.23
N ASP B 116 -5.20 5.62 35.25
CA ASP B 116 -5.13 4.31 34.64
C ASP B 116 -4.37 4.33 33.32
N THR B 117 -3.64 5.42 33.02
CA THR B 117 -3.03 5.56 31.70
C THR B 117 -2.18 4.37 31.31
N TRP B 118 -1.29 3.93 32.23
CA TRP B 118 -0.37 2.88 31.83
C TRP B 118 -1.10 1.57 31.58
N TYR B 119 -2.02 1.22 32.47
CA TYR B 119 -2.85 0.06 32.20
C TYR B 119 -3.54 0.19 30.84
N ASN B 120 -4.10 1.38 30.54
CA ASN B 120 -4.83 1.55 29.29
C ASN B 120 -3.91 1.40 28.07
N LEU B 121 -2.63 1.71 28.20
CA LEU B 121 -1.72 1.57 27.08
C LEU B 121 -1.10 0.18 26.95
N THR B 122 -1.17 -0.65 28.00
CA THR B 122 -0.50 -1.95 28.03
C THR B 122 -1.47 -3.10 28.33
N GLU B 123 -2.77 -2.84 28.24
CA GLU B 123 -3.78 -3.83 28.65
C GLU B 123 -3.47 -5.21 28.09
N PHE B 124 -3.09 -5.31 26.83
CA PHE B 124 -2.89 -6.58 26.16
C PHE B 124 -1.43 -6.96 25.98
N VAL B 125 -0.50 -6.18 26.51
CA VAL B 125 0.92 -6.41 26.32
C VAL B 125 1.44 -7.34 27.42
N GLN B 126 2.06 -8.44 27.01
N GLN B 126 2.03 -8.46 27.01
CA GLN B 126 2.62 -9.41 27.95
CA GLN B 126 2.61 -9.45 27.90
C GLN B 126 4.09 -9.66 27.64
C GLN B 126 4.11 -9.60 27.64
N MET B 127 4.89 -9.78 28.70
CA MET B 127 6.34 -9.96 28.54
C MET B 127 6.67 -11.16 27.67
N ASP B 128 5.94 -12.27 27.81
CA ASP B 128 6.26 -13.42 26.97
C ASP B 128 6.13 -13.11 25.49
N LYS B 129 5.16 -12.27 25.12
CA LYS B 129 5.00 -11.94 23.71
C LYS B 129 6.06 -10.95 23.24
N ILE B 130 6.42 -9.99 24.10
CA ILE B 130 7.57 -9.12 23.80
C ILE B 130 8.81 -9.94 23.45
N ARG B 131 9.10 -10.99 24.23
CA ARG B 131 10.34 -11.74 24.04
C ARG B 131 10.36 -12.55 22.74
N LYS B 132 9.19 -12.77 22.11
CA LYS B 132 9.14 -13.34 20.77
C LYS B 132 9.32 -12.30 19.67
N ILE B 133 8.91 -11.06 19.89
CA ILE B 133 9.19 -10.02 18.91
C ILE B 133 10.66 -9.62 18.99
N VAL B 134 11.20 -9.51 20.21
CA VAL B 134 12.58 -9.12 20.45
C VAL B 134 13.33 -10.36 20.94
N ARG B 135 14.20 -10.93 20.09
CA ARG B 135 14.75 -12.27 20.33
C ARG B 135 16.14 -12.20 20.96
N LYS B 136 16.20 -12.44 22.28
CA LYS B 136 17.47 -12.55 23.00
C LYS B 136 17.22 -13.44 24.23
N ASP B 137 17.20 -14.75 23.99
CA ASP B 137 16.55 -15.67 24.93
C ASP B 137 17.26 -15.78 26.28
N GLU B 138 18.51 -15.35 26.38
CA GLU B 138 19.25 -15.50 27.64
C GLU B 138 18.89 -14.44 28.68
N ASN B 139 18.12 -13.42 28.31
CA ASN B 139 17.65 -12.43 29.26
C ASN B 139 16.13 -12.49 29.39
N GLN B 140 15.64 -12.17 30.59
CA GLN B 140 14.22 -12.07 30.84
C GLN B 140 13.62 -10.71 30.48
N PHE B 141 14.45 -9.75 30.11
CA PHE B 141 14.06 -8.41 29.70
C PHE B 141 14.49 -8.22 28.25
N SER B 142 13.93 -7.21 27.59
CA SER B 142 14.11 -7.02 26.15
C SER B 142 14.59 -5.63 25.82
N TYR B 143 15.70 -5.55 25.09
CA TYR B 143 16.27 -4.30 24.64
C TYR B 143 15.69 -3.86 23.31
N VAL B 144 15.33 -2.58 23.23
CA VAL B 144 14.83 -1.93 22.02
C VAL B 144 15.54 -0.58 21.88
N ASP B 145 15.80 -0.17 20.63
CA ASP B 145 16.33 1.17 20.42
C ASP B 145 15.71 1.83 19.19
N SER B 146 16.10 3.09 18.98
CA SER B 146 15.52 3.91 17.91
C SER B 146 15.83 3.37 16.52
N SER B 147 16.93 2.66 16.34
CA SER B 147 17.38 2.32 14.99
C SER B 147 17.05 0.89 14.59
N MET B 148 16.62 0.05 15.52
CA MET B 148 16.31 -1.34 15.19
C MET B 148 15.30 -1.43 14.06
N THR B 149 15.62 -2.25 13.06
CA THR B 149 14.72 -2.48 11.96
C THR B 149 13.80 -3.68 12.23
N THR B 150 12.72 -3.74 11.48
CA THR B 150 11.77 -4.84 11.59
C THR B 150 12.08 -5.89 10.52
N VAL B 151 11.57 -7.10 10.74
CA VAL B 151 11.73 -8.17 9.75
C VAL B 151 11.21 -7.72 8.38
N GLN B 152 10.06 -7.04 8.33
CA GLN B 152 9.56 -6.55 7.05
C GLN B 152 10.48 -5.51 6.44
N GLU B 153 10.99 -4.58 7.27
CA GLU B 153 11.93 -3.59 6.76
C GLU B 153 13.15 -4.24 6.14
N ASN B 154 13.59 -5.37 6.69
CA ASN B 154 14.80 -6.04 6.23
C ASN B 154 14.58 -6.77 4.91
N GLU B 155 13.37 -7.26 4.67
CA GLU B 155 13.07 -7.92 3.40
C GLU B 155 13.01 -6.93 2.24
N LEU B 156 12.94 -5.63 2.53
CA LEU B 156 12.81 -4.60 1.49
C LEU B 156 14.02 -3.67 1.46
N SER B 161 20.75 -4.72 8.78
CA SER B 161 20.29 -5.95 8.13
C SER B 161 20.60 -7.17 8.98
N ASP B 162 21.20 -6.95 10.16
CA ASP B 162 21.60 -8.03 11.06
C ASP B 162 20.36 -8.66 11.70
N PRO B 163 19.98 -9.89 11.34
CA PRO B 163 18.71 -10.43 11.83
C PRO B 163 18.61 -10.60 13.34
N ALA B 164 19.74 -10.71 14.06
CA ALA B 164 19.69 -10.94 15.50
C ALA B 164 19.17 -9.72 16.26
N HIS B 165 19.28 -8.54 15.66
CA HIS B 165 18.96 -7.26 16.30
C HIS B 165 17.72 -6.64 15.67
N SER B 166 16.74 -7.46 15.32
CA SER B 166 15.57 -7.00 14.58
C SER B 166 14.31 -7.14 15.41
N LEU B 167 13.29 -6.40 15.01
CA LEU B 167 11.99 -6.46 15.63
C LEU B 167 11.13 -7.38 14.76
N ASN B 168 10.81 -8.56 15.29
N ASN B 168 10.80 -8.55 15.31
CA ASN B 168 10.05 -9.58 14.56
CA ASN B 168 10.05 -9.59 14.61
C ASN B 168 8.54 -9.40 14.75
C ASN B 168 8.54 -9.40 14.76
N TYR B 169 8.06 -8.24 14.33
CA TYR B 169 6.63 -8.04 14.23
C TYR B 169 6.06 -8.95 13.14
N THR B 170 4.78 -9.23 13.24
CA THR B 170 4.06 -9.99 12.21
C THR B 170 3.97 -9.17 10.94
N VAL B 171 4.44 -9.73 9.82
CA VAL B 171 4.44 -9.00 8.56
C VAL B 171 3.02 -8.85 8.02
N ILE B 172 2.64 -7.61 7.71
CA ILE B 172 1.36 -7.27 7.09
C ILE B 172 1.64 -6.58 5.77
N ASN B 173 1.09 -7.13 4.70
CA ASN B 173 1.34 -6.59 3.36
C ASN B 173 0.06 -6.79 2.56
N PHE B 174 -0.63 -5.69 2.26
CA PHE B 174 -1.92 -5.78 1.60
C PHE B 174 -1.84 -6.29 0.16
N LYS B 175 -0.69 -6.19 -0.49
CA LYS B 175 -0.51 -6.71 -1.84
C LYS B 175 0.48 -7.86 -1.79
N SER B 176 0.05 -8.94 -1.15
CA SER B 176 0.84 -10.15 -0.99
C SER B 176 -0.11 -11.33 -1.17
N ARG B 177 0.46 -12.47 -1.59
CA ARG B 177 -0.40 -13.64 -1.77
C ARG B 177 -1.01 -14.07 -0.46
N GLU B 178 -0.37 -13.77 0.68
CA GLU B 178 -1.00 -14.10 1.95
C GLU B 178 -2.29 -13.34 2.16
N ALA B 179 -2.36 -12.10 1.68
CA ALA B 179 -3.53 -11.25 1.90
C ALA B 179 -4.66 -11.49 0.91
N ILE B 180 -4.42 -12.20 -0.19
CA ILE B 180 -5.32 -12.22 -1.34
C ILE B 180 -5.49 -13.66 -1.79
N ARG B 181 -6.70 -14.19 -1.67
CA ARG B 181 -7.00 -15.52 -2.17
C ARG B 181 -7.08 -15.51 -3.69
N PRO B 182 -6.38 -16.41 -4.37
CA PRO B 182 -6.60 -16.58 -5.81
C PRO B 182 -8.09 -16.75 -6.06
N GLY B 183 -8.60 -16.05 -7.07
CA GLY B 183 -10.01 -16.03 -7.37
C GLY B 183 -10.84 -15.06 -6.57
N HIS B 184 -10.28 -14.45 -5.53
CA HIS B 184 -11.00 -13.46 -4.74
C HIS B 184 -10.24 -12.13 -4.74
N GLU B 185 -9.57 -11.81 -5.83
CA GLU B 185 -8.69 -10.64 -5.85
C GLU B 185 -9.41 -9.34 -5.48
N MET B 186 -10.50 -8.99 -6.18
CA MET B 186 -11.16 -7.72 -5.88
C MET B 186 -11.76 -7.74 -4.50
N GLU B 187 -12.46 -8.83 -4.18
CA GLU B 187 -13.10 -8.96 -2.88
C GLU B 187 -12.10 -8.77 -1.75
N ASP B 188 -10.98 -9.49 -1.81
CA ASP B 188 -10.03 -9.47 -0.70
C ASP B 188 -9.23 -8.17 -0.66
N PHE B 189 -9.05 -7.50 -1.79
CA PHE B 189 -8.29 -6.25 -1.77
C PHE B 189 -9.15 -5.08 -1.27
N LEU B 190 -10.42 -5.06 -1.62
CA LEU B 190 -11.28 -3.99 -1.18
C LEU B 190 -11.86 -4.24 0.21
N ASP B 191 -11.94 -5.50 0.64
CA ASP B 191 -12.45 -5.89 1.95
C ASP B 191 -11.43 -6.83 2.58
N LYS B 192 -10.69 -6.33 3.57
CA LYS B 192 -9.62 -7.13 4.16
C LYS B 192 -10.09 -8.14 5.21
N SER B 193 -11.39 -8.45 5.28
CA SER B 193 -11.89 -9.32 6.36
C SER B 193 -11.25 -10.71 6.37
N TYR B 194 -11.02 -11.32 5.21
N TYR B 194 -11.07 -11.32 5.18
N TYR B 194 -11.04 -11.32 5.21
CA TYR B 194 -10.41 -12.65 5.25
CA TYR B 194 -10.38 -12.60 5.10
CA TYR B 194 -10.40 -12.63 5.19
C TYR B 194 -8.96 -12.59 5.73
C TYR B 194 -9.03 -12.54 5.78
C TYR B 194 -8.99 -12.56 5.76
N TYR B 195 -8.23 -11.54 5.37
CA TYR B 195 -6.87 -11.41 5.85
C TYR B 195 -6.84 -11.15 7.35
N LEU B 196 -7.75 -10.30 7.84
CA LEU B 196 -7.84 -10.03 9.27
C LEU B 196 -8.30 -11.25 10.06
N ASN B 197 -9.44 -11.84 9.68
CA ASN B 197 -10.10 -12.84 10.54
C ASN B 197 -9.52 -14.23 10.37
N THR B 198 -9.30 -14.68 9.14
CA THR B 198 -8.80 -16.03 8.90
C THR B 198 -7.28 -16.12 8.99
N VAL B 199 -6.56 -15.28 8.24
CA VAL B 199 -5.10 -15.35 8.20
C VAL B 199 -4.51 -14.86 9.51
N MET B 200 -4.88 -13.65 9.93
CA MET B 200 -4.20 -13.03 11.06
C MET B 200 -4.76 -13.54 12.39
N LEU B 201 -6.07 -13.37 12.61
CA LEU B 201 -6.61 -13.69 13.93
C LEU B 201 -6.65 -15.19 14.18
N GLN B 202 -7.33 -15.93 13.31
N GLN B 202 -7.31 -15.94 13.31
CA GLN B 202 -7.43 -17.37 13.51
CA GLN B 202 -7.43 -17.37 13.52
C GLN B 202 -6.10 -18.07 13.29
C GLN B 202 -6.10 -18.07 13.29
N GLY B 203 -5.37 -17.68 12.26
CA GLY B 203 -4.14 -18.34 11.87
C GLY B 203 -2.86 -18.00 12.61
N ILE B 204 -2.57 -16.72 12.80
CA ILE B 204 -1.26 -16.30 13.31
C ILE B 204 -1.33 -15.88 14.77
N PHE B 205 -2.26 -14.97 15.10
CA PHE B 205 -2.32 -14.42 16.46
C PHE B 205 -3.12 -15.30 17.42
N LYS B 206 -4.04 -16.11 16.88
CA LYS B 206 -4.91 -17.01 17.64
C LYS B 206 -6.10 -16.28 18.26
N ASN B 207 -5.91 -15.04 18.72
CA ASN B 207 -7.03 -14.30 19.31
C ASN B 207 -6.74 -12.80 19.21
N SER B 208 -7.79 -12.00 19.43
CA SER B 208 -7.65 -10.55 19.30
C SER B 208 -6.76 -9.97 20.39
N SER B 209 -6.67 -10.62 21.56
CA SER B 209 -5.82 -10.07 22.61
C SER B 209 -4.36 -10.04 22.18
N ASN B 210 -3.88 -11.11 21.52
CA ASN B 210 -2.51 -11.11 21.06
C ASN B 210 -2.29 -10.07 19.97
N TYR B 211 -3.28 -9.89 19.10
CA TYR B 211 -3.17 -8.87 18.04
C TYR B 211 -3.09 -7.48 18.67
N PHE B 212 -3.97 -7.19 19.64
CA PHE B 212 -3.92 -5.88 20.28
C PHE B 212 -2.65 -5.70 21.08
N GLY B 213 -2.14 -6.76 21.71
CA GLY B 213 -0.88 -6.66 22.40
C GLY B 213 0.26 -6.20 21.48
N GLU B 214 0.35 -6.79 20.29
CA GLU B 214 1.40 -6.40 19.36
C GLU B 214 1.20 -4.97 18.86
N LEU B 215 -0.05 -4.59 18.59
CA LEU B 215 -0.38 -3.22 18.18
C LEU B 215 0.03 -2.22 19.26
N GLN B 216 -0.29 -2.53 20.52
CA GLN B 216 0.08 -1.64 21.62
C GLN B 216 1.59 -1.54 21.82
N PHE B 217 2.30 -2.67 21.71
CA PHE B 217 3.75 -2.69 21.82
C PHE B 217 4.40 -1.89 20.70
N ALA B 218 3.86 -1.99 19.48
CA ALA B 218 4.40 -1.23 18.35
C ALA B 218 4.24 0.27 18.61
N PHE B 219 3.05 0.69 19.08
CA PHE B 219 2.84 2.10 19.36
C PHE B 219 3.86 2.59 20.39
N LEU B 220 4.06 1.82 21.47
CA LEU B 220 4.91 2.29 22.56
C LEU B 220 6.37 2.39 22.11
N ASN B 221 6.81 1.47 21.24
CA ASN B 221 8.17 1.57 20.73
C ASN B 221 8.31 2.75 19.79
N ALA B 222 7.26 3.05 19.03
CA ALA B 222 7.31 4.24 18.19
C ALA B 222 7.39 5.50 19.05
N MET B 223 6.56 5.56 20.08
CA MET B 223 6.53 6.76 20.91
C MET B 223 7.78 6.93 21.75
N PHE B 224 8.23 5.88 22.44
CA PHE B 224 9.32 6.04 23.38
C PHE B 224 10.70 6.05 22.73
N PHE B 225 10.87 5.40 21.59
CA PHE B 225 12.19 5.34 20.94
C PHE B 225 12.24 6.07 19.61
N GLY B 226 11.12 6.58 19.12
CA GLY B 226 11.10 7.08 17.76
C GLY B 226 11.43 6.02 16.75
N ASN B 227 11.03 4.78 17.01
CA ASN B 227 11.35 3.66 16.11
C ASN B 227 10.45 3.74 14.86
N TYR B 228 11.00 4.03 13.67
CA TYR B 228 10.23 4.21 12.42
C TYR B 228 9.45 2.95 12.05
N GLY B 229 10.08 1.78 12.15
CA GLY B 229 9.47 0.48 11.81
C GLY B 229 8.30 0.13 12.72
N SER B 230 8.41 0.49 13.99
CA SER B 230 7.36 0.31 15.00
C SER B 230 6.14 1.14 14.60
N SER B 231 6.38 2.35 14.11
CA SER B 231 5.30 3.27 13.67
C SER B 231 4.59 2.65 12.46
N LEU B 232 5.32 2.12 11.48
CA LEU B 232 4.71 1.49 10.29
C LEU B 232 3.81 0.31 10.71
N GLN B 233 4.24 -0.49 11.67
CA GLN B 233 3.47 -1.66 12.15
C GLN B 233 2.18 -1.22 12.84
N TRP B 234 2.26 -0.21 13.68
CA TRP B 234 1.09 0.27 14.45
C TRP B 234 0.02 0.74 13.47
N HIS B 235 0.42 1.51 12.47
CA HIS B 235 -0.50 2.03 11.44
C HIS B 235 -1.08 0.86 10.64
N ALA B 236 -0.25 -0.11 10.28
CA ALA B 236 -0.65 -1.29 9.47
C ALA B 236 -1.71 -2.09 10.21
N MET B 237 -1.54 -2.30 11.50
CA MET B 237 -2.50 -3.08 12.27
C MET B 237 -3.82 -2.35 12.47
N ILE B 238 -3.78 -1.02 12.56
CA ILE B 238 -5.00 -0.23 12.59
C ILE B 238 -5.71 -0.31 11.23
N GLU B 239 -4.95 -0.08 10.16
CA GLU B 239 -5.56 -0.06 8.83
C GLU B 239 -6.19 -1.41 8.48
N LEU B 240 -5.59 -2.51 8.90
CA LEU B 240 -6.13 -3.82 8.57
C LEU B 240 -7.52 -4.01 9.17
N ILE B 241 -7.71 -3.54 10.41
CA ILE B 241 -9.03 -3.62 11.03
C ILE B 241 -10.00 -2.65 10.34
N CYS B 242 -9.58 -1.40 10.17
CA CYS B 242 -10.47 -0.39 9.63
C CYS B 242 -10.94 -0.74 8.22
N SER B 243 -10.07 -1.38 7.44
CA SER B 243 -10.33 -1.79 6.06
C SER B 243 -11.05 -3.12 5.93
N SER B 244 -11.54 -3.69 7.02
CA SER B 244 -12.32 -4.93 7.00
C SER B 244 -13.78 -4.63 7.25
N ALA B 245 -14.65 -5.19 6.41
CA ALA B 245 -16.08 -4.94 6.59
C ALA B 245 -16.65 -5.73 7.76
N THR B 246 -16.03 -6.86 8.11
CA THR B 246 -16.57 -7.81 9.08
C THR B 246 -15.54 -7.91 10.20
N VAL B 247 -15.85 -7.24 11.31
CA VAL B 247 -15.01 -7.26 12.51
C VAL B 247 -15.92 -7.49 13.70
N PRO B 248 -15.60 -8.43 14.59
CA PRO B 248 -16.41 -8.61 15.81
C PRO B 248 -16.58 -7.29 16.55
N LYS B 249 -17.81 -7.05 17.04
CA LYS B 249 -18.15 -5.77 17.65
C LYS B 249 -17.27 -5.51 18.87
N HIS B 250 -16.93 -6.57 19.61
CA HIS B 250 -16.09 -6.38 20.78
C HIS B 250 -14.71 -5.87 20.39
N MET B 251 -14.20 -6.27 19.23
CA MET B 251 -12.88 -5.80 18.80
C MET B 251 -12.93 -4.34 18.40
N LEU B 252 -14.00 -3.91 17.74
CA LEU B 252 -14.09 -2.52 17.34
C LEU B 252 -14.19 -1.61 18.57
N ASP B 253 -15.01 -2.01 19.54
CA ASP B 253 -15.12 -1.20 20.75
C ASP B 253 -13.82 -1.16 21.52
N LYS B 254 -13.11 -2.29 21.61
CA LYS B 254 -11.81 -2.28 22.27
C LYS B 254 -10.80 -1.44 21.50
N LEU B 255 -10.77 -1.55 20.16
CA LEU B 255 -9.83 -0.74 19.38
C LEU B 255 -10.06 0.75 19.63
N ASP B 256 -11.32 1.18 19.67
CA ASP B 256 -11.61 2.59 19.93
C ASP B 256 -10.98 3.03 21.24
N GLU B 257 -11.05 2.18 22.27
CA GLU B 257 -10.50 2.52 23.58
C GLU B 257 -8.98 2.55 23.52
N ILE B 258 -8.39 1.55 22.85
CA ILE B 258 -6.93 1.48 22.72
C ILE B 258 -6.41 2.73 22.04
N LEU B 259 -7.03 3.10 20.92
CA LEU B 259 -6.52 4.24 20.16
C LEU B 259 -6.74 5.54 20.91
N TYR B 260 -7.90 5.68 21.56
CA TYR B 260 -8.18 6.89 22.32
C TYR B 260 -7.06 7.17 23.31
N TYR B 261 -6.63 6.16 24.07
CA TYR B 261 -5.61 6.40 25.08
C TYR B 261 -4.23 6.62 24.45
N GLN B 262 -3.96 6.03 23.29
CA GLN B 262 -2.72 6.29 22.58
C GLN B 262 -2.68 7.73 22.11
N ILE B 263 -3.76 8.18 21.46
CA ILE B 263 -3.79 9.56 20.97
C ILE B 263 -3.75 10.56 22.13
N LYS B 264 -4.38 10.20 23.26
CA LYS B 264 -4.36 11.06 24.44
C LYS B 264 -2.96 11.23 25.00
N THR B 265 -2.15 10.17 24.95
CA THR B 265 -0.84 10.18 25.58
C THR B 265 0.24 10.75 24.68
N LEU B 266 0.03 10.73 23.37
CA LEU B 266 1.09 11.16 22.44
C LEU B 266 1.51 12.58 22.76
N PRO B 267 2.81 12.88 22.83
CA PRO B 267 3.25 14.28 22.95
C PRO B 267 2.75 15.08 21.76
N GLU B 268 2.08 16.20 22.07
CA GLU B 268 1.51 17.03 21.02
C GLU B 268 2.56 17.45 20.00
N GLN B 269 3.79 17.67 20.45
CA GLN B 269 4.83 18.17 19.56
C GLN B 269 5.43 17.09 18.67
N TYR B 270 5.16 15.80 18.95
CA TYR B 270 5.61 14.71 18.10
C TYR B 270 4.52 14.21 17.16
N SER B 271 3.36 14.87 17.16
CA SER B 271 2.19 14.42 16.36
C SER B 271 2.55 14.36 14.89
N ASP B 272 3.39 15.28 14.43
CA ASP B 272 3.82 15.33 13.01
C ASP B 272 4.64 14.10 12.65
N ILE B 273 5.43 13.55 13.59
CA ILE B 273 6.29 12.38 13.32
C ILE B 273 5.69 11.08 13.85
N LEU B 274 4.54 11.11 14.52
CA LEU B 274 3.95 9.84 15.01
C LEU B 274 2.62 9.46 14.35
N LEU B 275 1.90 10.40 13.74
CA LEU B 275 0.61 10.15 13.11
C LEU B 275 0.75 10.42 11.61
N ASN B 276 0.32 9.48 10.78
CA ASN B 276 0.42 9.48 9.31
C ASN B 276 -0.94 9.99 8.83
N GLU B 277 -0.98 11.10 8.10
CA GLU B 277 -2.23 11.73 7.64
C GLU B 277 -2.97 10.79 6.69
N ARG B 278 -2.30 10.13 5.75
CA ARG B 278 -3.07 9.29 4.80
C ARG B 278 -3.76 8.16 5.57
N VAL B 279 -3.08 7.48 6.48
CA VAL B 279 -3.70 6.32 7.16
C VAL B 279 -4.84 6.74 8.08
N TRP B 280 -4.71 7.85 8.81
CA TRP B 280 -5.76 8.27 9.79
C TRP B 280 -6.99 8.78 9.07
N ASN B 281 -6.81 9.63 8.07
CA ASN B 281 -7.92 10.14 7.28
C ASN B 281 -8.69 9.00 6.63
N ILE B 282 -7.98 8.01 6.09
CA ILE B 282 -8.67 6.84 5.53
C ILE B 282 -9.48 6.12 6.60
N CYS B 283 -8.85 5.84 7.75
CA CYS B 283 -9.53 5.05 8.77
C CYS B 283 -10.73 5.78 9.35
N LEU B 284 -10.59 7.08 9.59
CA LEU B 284 -11.68 7.80 10.25
C LEU B 284 -12.80 8.21 9.30
N TYR B 285 -12.50 8.52 8.04
CA TYR B 285 -13.50 9.12 7.16
C TYR B 285 -13.87 8.32 5.91
N SER B 286 -13.08 7.33 5.51
CA SER B 286 -13.41 6.55 4.32
C SER B 286 -13.66 5.06 4.56
N SER B 287 -13.06 4.46 5.60
CA SER B 287 -13.04 3.02 5.74
C SER B 287 -14.41 2.46 6.15
N PHE B 288 -14.52 1.13 6.07
CA PHE B 288 -15.71 0.44 6.54
C PHE B 288 -16.03 0.83 7.98
N GLN B 289 -15.00 1.10 8.78
CA GLN B 289 -15.20 1.36 10.20
C GLN B 289 -15.18 2.85 10.51
N LYS B 290 -15.38 3.69 9.49
CA LYS B 290 -15.32 5.14 9.66
C LYS B 290 -16.24 5.65 10.78
N ASN B 291 -17.29 4.90 11.12
CA ASN B 291 -18.27 5.32 12.12
C ASN B 291 -18.20 4.48 13.39
N SER B 292 -17.21 3.60 13.51
CA SER B 292 -17.10 2.68 14.64
C SER B 292 -16.12 3.14 15.69
N LEU B 293 -15.46 4.27 15.48
CA LEU B 293 -14.40 4.68 16.40
C LEU B 293 -14.72 6.05 16.95
N HIS B 294 -15.84 6.15 17.64
CA HIS B 294 -16.34 7.46 18.03
C HIS B 294 -15.41 8.19 18.99
N ASN B 295 -14.87 7.49 19.98
CA ASN B 295 -14.02 8.18 20.95
C ASN B 295 -12.71 8.64 20.33
N THR B 296 -12.16 7.79 19.46
CA THR B 296 -10.90 8.12 18.78
C THR B 296 -11.11 9.27 17.81
N GLU B 297 -12.20 9.24 17.07
CA GLU B 297 -12.50 10.33 16.14
C GLU B 297 -12.67 11.65 16.86
N LYS B 298 -13.33 11.61 18.03
CA LYS B 298 -13.55 12.86 18.76
C LYS B 298 -12.24 13.43 19.30
N ILE B 299 -11.37 12.61 19.91
CA ILE B 299 -10.10 13.14 20.40
C ILE B 299 -9.20 13.61 19.24
N MET B 300 -9.15 12.84 18.16
CA MET B 300 -8.36 13.25 17.00
C MET B 300 -8.81 14.60 16.45
N GLU B 301 -10.12 14.80 16.31
CA GLU B 301 -10.64 16.05 15.75
C GLU B 301 -10.38 17.23 16.69
N ASN B 302 -10.33 17.01 18.00
CA ASN B 302 -10.13 18.13 18.92
C ASN B 302 -8.67 18.41 19.22
N LYS B 303 -7.81 17.40 19.08
CA LYS B 303 -6.40 17.53 19.43
C LYS B 303 -5.51 17.74 18.21
N TYR B 304 -5.83 17.12 17.07
CA TYR B 304 -5.00 17.20 15.87
C TYR B 304 -5.85 17.49 14.64
N PRO B 305 -6.66 18.56 14.68
CA PRO B 305 -7.51 18.85 13.51
C PRO B 305 -6.73 19.17 12.26
N GLU B 306 -5.46 19.58 12.40
CA GLU B 306 -4.64 19.86 11.24
C GLU B 306 -4.38 18.60 10.43
N LEU B 307 -4.02 17.51 11.09
CA LEU B 307 -3.76 16.26 10.39
C LEU B 307 -4.95 15.82 9.56
N LEU B 308 -6.14 16.33 9.84
CA LEU B 308 -7.33 15.87 9.16
C LEU B 308 -7.91 16.92 8.25
N1 VI8 C . 3.99 5.32 6.57
C7 VI8 C . 4.72 5.54 8.85
C8 VI8 C . 3.47 5.15 9.29
C9 VI8 C . 2.47 4.84 8.37
O1 VI8 C . 5.44 9.55 6.54
C1 VI8 C . 4.20 10.61 9.70
C5 VI8 C . 4.45 8.91 11.32
C6 VI8 C . 5.83 5.87 9.78
C4 VI8 C . 4.99 8.08 10.38
C3 VI8 C . 5.09 8.49 9.07
C2 VI8 C . 4.69 9.76 8.74
C12 VI8 C . 4.75 10.23 7.31
O VI8 C . 4.10 11.24 7.04
C VI8 C . 4.08 10.18 10.99
N VI8 C . 5.50 6.83 10.79
C11 VI8 C . 4.92 5.62 7.49
C10 VI8 C . 2.78 4.94 7.02
#